data_1DAE
#
_entry.id   1DAE
#
_cell.length_a   73.200
_cell.length_b   49.200
_cell.length_c   61.800
_cell.angle_alpha   90.00
_cell.angle_beta   107.10
_cell.angle_gamma   90.00
#
_symmetry.space_group_name_H-M   'C 1 2 1'
#
loop_
_entity.id
_entity.type
_entity.pdbx_description
1 polymer 'DETHIOBIOTIN SYNTHETASE'
2 non-polymer '3-(1-AMINOETHYL)NONANEDIOIC ACID'
3 water water
#
_entity_poly.entity_id   1
_entity_poly.type   'polypeptide(L)'
_entity_poly.pdbx_seq_one_letter_code
;SKRYFVTGTDTEVGKTVASCALLQAAKAAGYRTAGYKPVASGSEKTPEGLRNSDALALQRNSSLQLDYATVNPYTFAEPT
SPHIISAQEGRPIESLVMSAGLRALEQQADWVLVEGAGGWFTPLSDTFTFADWVTQEQLPVILVVGVKLGCINHAMLTAQ
VIQHAGLTLAGWVANDVTPPGKRHAEYMTTLTRMIPAPLLGEIPWLAENPENAATGKYINLALL
;
_entity_poly.pdbx_strand_id   A
#
loop_
_chem_comp.id
_chem_comp.type
_chem_comp.name
_chem_comp.formula
IKT non-polymer '3-(1-AMINOETHYL)NONANEDIOIC ACID' 'C11 H21 N O4'
#
# COMPACT_ATOMS: atom_id res chain seq x y z
N SER A 1 0.46 5.69 17.75
CA SER A 1 0.38 4.63 16.77
C SER A 1 1.55 4.65 15.82
N LYS A 2 1.96 3.43 15.43
CA LYS A 2 2.90 3.24 14.35
C LYS A 2 2.04 3.39 13.10
N ARG A 3 2.58 4.03 12.07
CA ARG A 3 1.83 4.25 10.86
C ARG A 3 2.82 4.03 9.72
N TYR A 4 2.41 3.31 8.67
CA TYR A 4 3.26 3.10 7.50
C TYR A 4 2.44 3.30 6.25
N PHE A 5 3.01 3.87 5.19
CA PHE A 5 2.30 4.00 3.92
C PHE A 5 2.88 2.93 3.01
N VAL A 6 2.07 2.18 2.26
CA VAL A 6 2.58 1.18 1.34
C VAL A 6 2.37 1.64 -0.10
N THR A 7 3.44 1.63 -0.91
CA THR A 7 3.28 1.97 -2.32
C THR A 7 3.91 0.82 -3.14
N GLY A 8 3.78 0.81 -4.47
CA GLY A 8 4.36 -0.25 -5.29
C GLY A 8 5.13 0.31 -6.47
N THR A 9 5.95 -0.49 -7.15
CA THR A 9 6.72 -0.01 -8.30
C THR A 9 5.89 0.17 -9.58
N ASP A 10 4.71 -0.45 -9.67
CA ASP A 10 3.80 -0.42 -10.81
C ASP A 10 2.41 -0.89 -10.33
N THR A 11 1.33 -0.81 -11.14
CA THR A 11 -0.03 -1.14 -10.73
C THR A 11 -0.33 -2.60 -10.39
N GLU A 12 0.20 -3.62 -11.07
CA GLU A 12 -0.15 -4.99 -10.72
C GLU A 12 1.10 -5.65 -10.13
N VAL A 13 1.63 -5.18 -9.01
CA VAL A 13 2.77 -5.88 -8.43
C VAL A 13 2.39 -6.70 -7.20
N GLY A 14 1.09 -6.87 -6.88
CA GLY A 14 0.61 -7.62 -5.71
C GLY A 14 0.76 -6.82 -4.41
N LYS A 15 0.58 -5.50 -4.47
CA LYS A 15 0.75 -4.61 -3.33
C LYS A 15 -0.20 -5.01 -2.20
N THR A 16 -1.44 -5.41 -2.47
CA THR A 16 -2.32 -5.76 -1.35
C THR A 16 -1.91 -7.09 -0.73
N VAL A 17 -1.29 -8.00 -1.49
CA VAL A 17 -0.74 -9.26 -0.93
C VAL A 17 0.31 -8.93 0.13
N ALA A 18 1.24 -8.03 -0.18
CA ALA A 18 2.26 -7.61 0.77
C ALA A 18 1.63 -6.87 1.95
N SER A 19 0.60 -6.02 1.77
CA SER A 19 -0.08 -5.32 2.87
C SER A 19 -0.74 -6.33 3.79
N CYS A 20 -1.40 -7.39 3.28
CA CYS A 20 -1.98 -8.44 4.12
C CYS A 20 -0.90 -9.24 4.87
N ALA A 21 0.27 -9.50 4.26
CA ALA A 21 1.35 -10.19 4.95
C ALA A 21 1.86 -9.32 6.08
N LEU A 22 1.95 -7.98 5.86
CA LEU A 22 2.40 -7.05 6.89
C LEU A 22 1.42 -7.01 8.04
N LEU A 23 0.12 -6.99 7.73
CA LEU A 23 -0.91 -6.95 8.76
C LEU A 23 -0.92 -8.25 9.54
N GLN A 24 -0.73 -9.39 8.86
CA GLN A 24 -0.65 -10.66 9.57
C GLN A 24 0.53 -10.75 10.54
N ALA A 25 1.73 -10.33 10.17
CA ALA A 25 2.89 -10.34 11.07
C ALA A 25 2.71 -9.35 12.22
N ALA A 26 2.08 -8.18 12.03
CA ALA A 26 1.94 -7.20 13.11
C ALA A 26 0.95 -7.73 14.14
N LYS A 27 -0.09 -8.42 13.67
CA LYS A 27 -1.08 -9.06 14.51
C LYS A 27 -0.32 -10.11 15.30
N ALA A 28 0.54 -10.91 14.66
CA ALA A 28 1.24 -11.94 15.42
C ALA A 28 2.19 -11.31 16.44
N ALA A 29 2.73 -10.11 16.22
CA ALA A 29 3.55 -9.49 17.23
C ALA A 29 2.74 -8.89 18.38
N GLY A 30 1.40 -8.91 18.36
CA GLY A 30 0.58 -8.41 19.47
C GLY A 30 -0.03 -7.01 19.24
N TYR A 31 0.15 -6.42 18.04
CA TYR A 31 -0.46 -5.12 17.78
C TYR A 31 -1.97 -5.18 17.51
N ARG A 32 -2.71 -4.14 17.85
CA ARG A 32 -4.12 -3.98 17.52
C ARG A 32 -4.02 -3.33 16.14
N THR A 33 -4.31 -4.02 15.03
CA THR A 33 -4.02 -3.51 13.69
C THR A 33 -5.21 -2.98 12.92
N ALA A 34 -4.96 -2.09 11.97
CA ALA A 34 -5.99 -1.55 11.11
C ALA A 34 -5.38 -1.29 9.77
N GLY A 35 -6.08 -1.71 8.72
CA GLY A 35 -5.71 -1.40 7.32
C GLY A 35 -6.56 -0.20 6.86
N TYR A 36 -5.98 0.70 6.06
CA TYR A 36 -6.70 1.88 5.60
C TYR A 36 -6.37 2.08 4.12
N LYS A 37 -7.39 2.13 3.28
CA LYS A 37 -7.15 2.41 1.86
C LYS A 37 -8.06 3.61 1.56
N PRO A 38 -7.59 4.85 1.69
CA PRO A 38 -8.45 6.04 1.60
C PRO A 38 -9.19 6.16 0.27
N VAL A 39 -8.51 5.79 -0.84
CA VAL A 39 -9.10 5.92 -2.16
C VAL A 39 -8.96 4.61 -2.92
N ALA A 40 -10.05 4.18 -3.56
CA ALA A 40 -10.04 2.95 -4.34
C ALA A 40 -10.92 3.12 -5.61
N SER A 41 -10.51 2.57 -6.75
CA SER A 41 -11.35 2.60 -7.93
C SER A 41 -11.26 1.20 -8.52
N GLY A 42 -12.38 0.78 -9.11
CA GLY A 42 -12.48 -0.57 -9.60
C GLY A 42 -13.25 -1.30 -8.52
N SER A 43 -14.57 -1.14 -8.53
CA SER A 43 -15.39 -1.67 -7.45
C SER A 43 -16.67 -2.39 -7.91
N GLU A 44 -17.24 -3.28 -7.11
CA GLU A 44 -18.47 -3.99 -7.47
C GLU A 44 -19.68 -3.46 -6.73
N LYS A 45 -20.87 -3.53 -7.33
CA LYS A 45 -22.08 -3.14 -6.64
C LYS A 45 -22.56 -4.23 -5.72
N THR A 46 -23.02 -3.86 -4.53
CA THR A 46 -23.66 -4.79 -3.61
C THR A 46 -24.92 -4.08 -3.08
N PRO A 47 -25.75 -4.77 -2.25
CA PRO A 47 -26.89 -4.15 -1.58
C PRO A 47 -26.43 -2.99 -0.72
N GLU A 48 -25.18 -2.93 -0.27
CA GLU A 48 -24.77 -1.87 0.63
C GLU A 48 -24.03 -0.70 -0.02
N GLY A 49 -23.83 -0.76 -1.34
CA GLY A 49 -23.06 0.24 -2.08
C GLY A 49 -21.87 -0.45 -2.78
N LEU A 50 -20.95 0.33 -3.34
CA LEU A 50 -19.81 -0.19 -4.04
C LEU A 50 -18.81 -0.68 -3.03
N ARG A 51 -18.15 -1.79 -3.40
CA ARG A 51 -17.12 -2.42 -2.57
C ARG A 51 -15.91 -2.79 -3.42
N ASN A 52 -14.73 -2.40 -2.99
CA ASN A 52 -13.51 -2.69 -3.74
C ASN A 52 -12.88 -3.97 -3.12
N SER A 53 -12.38 -4.98 -3.84
CA SER A 53 -11.84 -6.17 -3.24
C SER A 53 -10.55 -6.00 -2.45
N ASP A 54 -9.63 -5.08 -2.83
CA ASP A 54 -8.41 -4.82 -2.07
C ASP A 54 -8.74 -4.28 -0.68
N ALA A 55 -9.68 -3.34 -0.61
CA ALA A 55 -10.13 -2.77 0.66
C ALA A 55 -10.78 -3.85 1.50
N LEU A 56 -11.60 -4.74 0.88
CA LEU A 56 -12.14 -5.91 1.60
C LEU A 56 -11.06 -6.84 2.21
N ALA A 57 -9.95 -7.01 1.49
CA ALA A 57 -8.83 -7.80 1.96
C ALA A 57 -8.19 -7.15 3.18
N LEU A 58 -8.06 -5.80 3.19
CA LEU A 58 -7.46 -5.06 4.28
C LEU A 58 -8.38 -5.14 5.49
N GLN A 59 -9.69 -5.01 5.21
CA GLN A 59 -10.70 -5.10 6.27
C GLN A 59 -10.62 -6.49 6.92
N ARG A 60 -10.65 -7.59 6.16
CA ARG A 60 -10.57 -8.92 6.79
C ARG A 60 -9.21 -9.27 7.37
N ASN A 61 -8.12 -8.58 7.04
CA ASN A 61 -6.85 -8.89 7.65
C ASN A 61 -6.53 -7.99 8.83
N SER A 62 -7.34 -6.98 9.16
CA SER A 62 -7.19 -6.11 10.34
C SER A 62 -7.50 -6.86 11.63
N SER A 63 -6.87 -6.70 12.79
CA SER A 63 -7.28 -7.51 13.93
C SER A 63 -8.52 -6.88 14.55
N LEU A 64 -8.80 -5.59 14.34
CA LEU A 64 -10.03 -5.00 14.91
C LEU A 64 -11.22 -5.30 14.00
N GLN A 65 -12.47 -5.46 14.44
CA GLN A 65 -13.60 -5.60 13.50
C GLN A 65 -13.82 -4.19 12.96
N LEU A 66 -13.75 -3.85 11.68
CA LEU A 66 -13.97 -2.47 11.30
C LEU A 66 -15.05 -2.39 10.24
N ASP A 67 -15.82 -1.30 10.15
CA ASP A 67 -16.81 -1.13 9.08
C ASP A 67 -16.12 -0.78 7.81
N TYR A 68 -16.71 -1.15 6.70
CA TYR A 68 -16.09 -0.91 5.41
C TYR A 68 -15.74 0.56 5.16
N ALA A 69 -16.68 1.53 5.38
CA ALA A 69 -16.43 2.92 5.07
C ALA A 69 -15.34 3.49 5.94
N THR A 70 -15.06 2.92 7.12
CA THR A 70 -13.92 3.33 7.93
C THR A 70 -12.61 2.95 7.22
N VAL A 71 -12.62 1.78 6.57
CA VAL A 71 -11.45 1.28 5.86
C VAL A 71 -11.32 2.03 4.54
N ASN A 72 -12.42 2.30 3.85
CA ASN A 72 -12.26 2.90 2.55
C ASN A 72 -13.34 3.95 2.31
N PRO A 73 -13.07 5.23 2.64
CA PRO A 73 -14.02 6.34 2.51
C PRO A 73 -14.42 6.64 1.07
N TYR A 74 -13.50 6.57 0.11
CA TYR A 74 -13.79 6.97 -1.26
C TYR A 74 -13.79 5.75 -2.17
N THR A 75 -14.93 5.35 -2.73
CA THR A 75 -14.99 4.12 -3.50
C THR A 75 -15.50 4.46 -4.88
N PHE A 76 -14.78 4.19 -5.98
CA PHE A 76 -15.31 4.53 -7.32
C PHE A 76 -15.44 3.23 -8.11
N ALA A 77 -16.44 3.14 -8.99
CA ALA A 77 -16.71 1.89 -9.69
C ALA A 77 -15.69 1.57 -10.79
N GLU A 78 -15.37 2.59 -11.60
CA GLU A 78 -14.49 2.38 -12.72
C GLU A 78 -13.03 2.28 -12.33
N PRO A 79 -12.30 1.26 -12.78
CA PRO A 79 -10.88 1.09 -12.52
C PRO A 79 -9.96 2.01 -13.32
N THR A 80 -9.99 3.33 -13.08
CA THR A 80 -9.09 4.23 -13.77
C THR A 80 -8.38 5.09 -12.72
N SER A 81 -7.64 6.12 -13.14
CA SER A 81 -7.02 7.02 -12.20
C SER A 81 -8.11 7.75 -11.41
N PRO A 82 -8.01 7.83 -10.07
CA PRO A 82 -8.99 8.45 -9.19
C PRO A 82 -9.27 9.88 -9.59
N HIS A 83 -8.31 10.68 -10.12
CA HIS A 83 -8.68 12.05 -10.45
C HIS A 83 -9.64 12.13 -11.67
N ILE A 84 -9.61 11.18 -12.61
CA ILE A 84 -10.52 11.18 -13.76
C ILE A 84 -11.95 10.87 -13.26
N ILE A 85 -12.12 9.77 -12.54
CA ILE A 85 -13.47 9.38 -12.13
C ILE A 85 -14.04 10.30 -11.04
N SER A 86 -13.22 10.85 -10.16
CA SER A 86 -13.68 11.82 -9.20
C SER A 86 -14.31 13.00 -9.94
N ALA A 87 -13.65 13.56 -10.99
CA ALA A 87 -14.18 14.70 -11.72
C ALA A 87 -15.46 14.31 -12.46
N GLN A 88 -15.48 13.12 -13.05
CA GLN A 88 -16.67 12.67 -13.78
C GLN A 88 -17.92 12.56 -12.90
N GLU A 89 -17.72 11.96 -11.74
CA GLU A 89 -18.81 11.78 -10.83
C GLU A 89 -19.14 13.01 -10.02
N GLY A 90 -18.30 14.06 -9.96
CA GLY A 90 -18.63 15.24 -9.18
C GLY A 90 -18.42 15.00 -7.68
N ARG A 91 -17.46 14.15 -7.31
CA ARG A 91 -17.17 13.90 -5.92
C ARG A 91 -15.66 14.15 -5.70
N PRO A 92 -15.30 15.34 -5.20
CA PRO A 92 -13.92 15.75 -4.91
C PRO A 92 -13.29 14.84 -3.87
N ILE A 93 -12.03 14.52 -4.04
CA ILE A 93 -11.34 13.74 -3.05
C ILE A 93 -10.66 14.77 -2.17
N GLU A 94 -11.12 14.90 -0.92
CA GLU A 94 -10.61 15.90 -0.01
C GLU A 94 -9.50 15.40 0.93
N SER A 95 -8.37 16.10 0.96
CA SER A 95 -7.29 15.79 1.89
C SER A 95 -7.78 15.81 3.34
N LEU A 96 -8.65 16.73 3.78
CA LEU A 96 -9.14 16.74 5.14
C LEU A 96 -9.92 15.48 5.47
N VAL A 97 -10.71 14.94 4.55
CA VAL A 97 -11.45 13.71 4.79
C VAL A 97 -10.49 12.51 4.87
N MET A 98 -9.49 12.47 3.96
CA MET A 98 -8.47 11.40 4.04
C MET A 98 -7.71 11.42 5.39
N SER A 99 -7.28 12.60 5.89
CA SER A 99 -6.61 12.71 7.17
C SER A 99 -7.53 12.43 8.36
N ALA A 100 -8.81 12.85 8.32
CA ALA A 100 -9.74 12.57 9.42
C ALA A 100 -9.89 11.06 9.58
N GLY A 101 -9.97 10.37 8.45
CA GLY A 101 -10.16 8.92 8.43
C GLY A 101 -9.00 8.23 9.11
N LEU A 102 -7.78 8.73 8.85
CA LEU A 102 -6.59 8.17 9.50
C LEU A 102 -6.64 8.37 11.02
N ARG A 103 -7.02 9.58 11.48
CA ARG A 103 -7.17 9.86 12.91
C ARG A 103 -8.17 8.95 13.60
N ALA A 104 -9.29 8.68 12.92
CA ALA A 104 -10.36 7.88 13.48
C ALA A 104 -9.82 6.48 13.71
N LEU A 105 -8.96 5.95 12.80
CA LEU A 105 -8.37 4.64 13.02
C LEU A 105 -7.39 4.65 14.19
N GLU A 106 -6.57 5.69 14.33
CA GLU A 106 -5.64 5.80 15.45
C GLU A 106 -6.38 5.87 16.79
N GLN A 107 -7.70 6.09 16.82
CA GLN A 107 -8.42 6.03 18.07
C GLN A 107 -8.50 4.63 18.60
N GLN A 108 -8.37 3.62 17.75
CA GLN A 108 -8.58 2.27 18.16
C GLN A 108 -7.45 1.36 17.78
N ALA A 109 -6.58 1.70 16.86
CA ALA A 109 -5.54 0.77 16.47
C ALA A 109 -4.20 1.31 16.90
N ASP A 110 -3.22 0.48 17.28
CA ASP A 110 -1.93 1.08 17.52
C ASP A 110 -0.89 0.75 16.44
N TRP A 111 -1.30 0.03 15.39
CA TRP A 111 -0.40 -0.22 14.26
C TRP A 111 -1.30 -0.05 13.05
N VAL A 112 -1.11 1.04 12.28
CA VAL A 112 -1.96 1.32 11.12
C VAL A 112 -1.15 1.30 9.80
N LEU A 113 -1.70 0.58 8.84
CA LEU A 113 -1.09 0.42 7.55
C LEU A 113 -1.97 1.16 6.56
N VAL A 114 -1.41 2.10 5.78
CA VAL A 114 -2.18 2.89 4.81
C VAL A 114 -1.75 2.45 3.43
N GLU A 115 -2.67 2.00 2.60
CA GLU A 115 -2.33 1.52 1.26
C GLU A 115 -2.76 2.58 0.26
N GLY A 116 -1.88 3.05 -0.63
CA GLY A 116 -2.32 4.04 -1.57
C GLY A 116 -2.99 3.35 -2.76
N ALA A 117 -3.27 4.13 -3.80
CA ALA A 117 -3.79 3.58 -5.04
C ALA A 117 -2.72 3.77 -6.12
N GLY A 118 -2.47 2.78 -6.97
CA GLY A 118 -1.43 2.87 -7.99
C GLY A 118 -0.03 2.95 -7.38
N GLY A 119 0.78 3.66 -8.15
CA GLY A 119 2.15 3.96 -7.77
C GLY A 119 2.28 5.27 -6.98
N TRP A 120 3.50 5.83 -6.91
CA TRP A 120 3.76 6.98 -6.06
C TRP A 120 3.03 8.23 -6.47
N PHE A 121 3.11 8.58 -7.75
CA PHE A 121 2.52 9.81 -8.18
C PHE A 121 1.07 9.75 -8.64
N THR A 122 0.17 8.86 -8.18
CA THR A 122 -1.24 8.90 -8.64
C THR A 122 -1.96 10.22 -8.33
N PRO A 123 -2.50 10.92 -9.36
CA PRO A 123 -3.26 12.16 -9.23
C PRO A 123 -4.58 11.92 -8.50
N LEU A 124 -4.93 12.79 -7.55
CA LEU A 124 -6.21 12.76 -6.85
C LEU A 124 -7.08 13.90 -7.38
N SER A 125 -6.47 15.00 -7.83
CA SER A 125 -7.23 16.07 -8.45
C SER A 125 -6.29 16.66 -9.50
N ASP A 126 -6.61 17.77 -10.15
CA ASP A 126 -5.69 18.36 -11.10
C ASP A 126 -4.56 19.09 -10.44
N THR A 127 -4.66 19.39 -9.15
CA THR A 127 -3.56 20.05 -8.49
C THR A 127 -3.02 19.25 -7.29
N PHE A 128 -3.41 18.01 -7.08
CA PHE A 128 -3.05 17.29 -5.88
C PHE A 128 -2.73 15.85 -6.18
N THR A 129 -1.61 15.28 -5.71
CA THR A 129 -1.32 13.88 -5.96
C THR A 129 -1.27 13.16 -4.63
N PHE A 130 -1.27 11.82 -4.67
CA PHE A 130 -1.15 11.01 -3.47
C PHE A 130 0.15 11.32 -2.73
N ALA A 131 1.24 11.54 -3.46
CA ALA A 131 2.51 11.93 -2.88
C ALA A 131 2.39 13.21 -2.06
N ASP A 132 1.57 14.22 -2.47
CA ASP A 132 1.41 15.41 -1.64
C ASP A 132 0.76 15.10 -0.30
N TRP A 133 -0.22 14.21 -0.24
CA TRP A 133 -0.87 13.88 1.03
C TRP A 133 0.10 13.08 1.92
N VAL A 134 0.86 12.14 1.38
CA VAL A 134 1.82 11.35 2.19
C VAL A 134 2.89 12.28 2.78
N THR A 135 3.38 13.23 1.98
CA THR A 135 4.36 14.18 2.46
C THR A 135 3.76 15.05 3.57
N GLN A 136 2.52 15.49 3.40
CA GLN A 136 1.78 16.28 4.36
C GLN A 136 1.68 15.53 5.67
N GLU A 137 1.37 14.22 5.59
CA GLU A 137 1.22 13.41 6.77
C GLU A 137 2.51 12.92 7.35
N GLN A 138 3.63 13.09 6.64
CA GLN A 138 4.94 12.63 7.07
C GLN A 138 4.96 11.13 7.43
N LEU A 139 4.27 10.29 6.66
CA LEU A 139 4.27 8.85 6.88
C LEU A 139 5.58 8.19 6.40
N PRO A 140 6.17 7.24 7.12
CA PRO A 140 7.28 6.46 6.58
C PRO A 140 6.68 5.51 5.53
N VAL A 141 7.49 5.24 4.49
CA VAL A 141 7.02 4.49 3.33
C VAL A 141 7.66 3.10 3.21
N ILE A 142 6.85 2.10 2.86
CA ILE A 142 7.32 0.71 2.59
C ILE A 142 7.08 0.51 1.08
N LEU A 143 8.12 0.14 0.35
CA LEU A 143 8.01 -0.01 -1.09
C LEU A 143 7.81 -1.48 -1.47
N VAL A 144 6.77 -1.86 -2.22
CA VAL A 144 6.60 -3.25 -2.64
C VAL A 144 7.13 -3.35 -4.07
N VAL A 145 8.08 -4.26 -4.27
CA VAL A 145 8.69 -4.46 -5.58
C VAL A 145 8.21 -5.76 -6.22
N GLY A 146 7.52 -5.75 -7.36
CA GLY A 146 7.19 -7.01 -8.03
C GLY A 146 8.47 -7.42 -8.74
N VAL A 147 9.05 -8.59 -8.49
CA VAL A 147 10.34 -8.95 -9.08
C VAL A 147 10.17 -9.48 -10.52
N LYS A 148 10.55 -8.66 -11.49
CA LYS A 148 10.44 -9.06 -12.88
C LYS A 148 11.39 -8.13 -13.64
N LEU A 149 11.69 -8.43 -14.90
CA LEU A 149 12.54 -7.54 -15.68
C LEU A 149 11.92 -6.11 -15.78
N GLY A 150 12.76 -5.10 -15.51
CA GLY A 150 12.29 -3.71 -15.49
C GLY A 150 12.09 -3.17 -14.07
N CYS A 151 12.11 -4.05 -13.03
CA CYS A 151 11.81 -3.58 -11.69
C CYS A 151 12.99 -2.87 -11.08
N ILE A 152 14.27 -3.07 -11.51
CA ILE A 152 15.37 -2.31 -10.89
C ILE A 152 15.19 -0.81 -11.13
N ASN A 153 14.92 -0.49 -12.39
CA ASN A 153 14.65 0.89 -12.79
C ASN A 153 13.49 1.44 -11.96
N HIS A 154 12.34 0.75 -11.91
CA HIS A 154 11.22 1.32 -11.15
C HIS A 154 11.47 1.41 -9.65
N ALA A 155 12.21 0.49 -9.03
CA ALA A 155 12.46 0.57 -7.59
C ALA A 155 13.43 1.73 -7.28
N MET A 156 14.43 1.97 -8.13
CA MET A 156 15.34 3.06 -7.94
C MET A 156 14.68 4.42 -8.15
N LEU A 157 13.82 4.57 -9.16
CA LEU A 157 13.08 5.83 -9.40
C LEU A 157 12.24 6.17 -8.19
N THR A 158 11.48 5.20 -7.67
CA THR A 158 10.58 5.50 -6.54
C THR A 158 11.40 5.84 -5.28
N ALA A 159 12.45 5.05 -4.98
CA ALA A 159 13.29 5.32 -3.84
C ALA A 159 13.92 6.71 -3.86
N GLN A 160 14.46 7.17 -5.00
CA GLN A 160 15.04 8.50 -5.02
C GLN A 160 14.00 9.58 -4.90
N VAL A 161 12.82 9.42 -5.48
CA VAL A 161 11.83 10.49 -5.37
C VAL A 161 11.35 10.63 -3.93
N ILE A 162 11.17 9.52 -3.19
CA ILE A 162 10.71 9.61 -1.80
C ILE A 162 11.76 10.32 -0.94
N GLN A 163 13.04 9.95 -1.14
CA GLN A 163 14.11 10.53 -0.36
C GLN A 163 14.26 11.99 -0.69
N HIS A 164 14.09 12.37 -1.96
CA HIS A 164 14.16 13.77 -2.29
C HIS A 164 13.05 14.54 -1.57
N ALA A 165 11.87 13.96 -1.30
CA ALA A 165 10.82 14.69 -0.63
C ALA A 165 11.10 14.77 0.88
N GLY A 166 12.19 14.18 1.39
CA GLY A 166 12.52 14.21 2.80
C GLY A 166 11.74 13.19 3.60
N LEU A 167 11.23 12.13 2.97
CA LEU A 167 10.51 11.12 3.70
C LEU A 167 11.41 9.94 4.01
N THR A 168 11.11 9.17 5.05
CA THR A 168 11.83 7.95 5.37
C THR A 168 11.34 6.79 4.53
N LEU A 169 12.23 6.09 3.86
CA LEU A 169 11.92 4.84 3.21
C LEU A 169 12.23 3.77 4.28
N ALA A 170 11.16 3.29 4.89
CA ALA A 170 11.25 2.34 5.98
C ALA A 170 11.73 0.96 5.56
N GLY A 171 11.48 0.49 4.34
CA GLY A 171 11.95 -0.81 3.97
C GLY A 171 11.29 -1.18 2.66
N TRP A 172 11.62 -2.35 2.14
CA TRP A 172 10.97 -2.84 0.94
C TRP A 172 10.59 -4.31 1.04
N VAL A 173 9.62 -4.73 0.25
CA VAL A 173 9.19 -6.11 0.22
C VAL A 173 9.31 -6.63 -1.22
N ALA A 174 9.89 -7.82 -1.42
CA ALA A 174 9.93 -8.42 -2.73
C ALA A 174 8.73 -9.37 -2.91
N ASN A 175 7.90 -9.13 -3.93
CA ASN A 175 6.82 -10.01 -4.24
C ASN A 175 7.11 -10.78 -5.54
N ASP A 176 7.06 -12.11 -5.47
CA ASP A 176 7.36 -12.89 -6.66
C ASP A 176 6.13 -13.04 -7.50
N VAL A 177 6.05 -12.18 -8.52
CA VAL A 177 4.88 -12.18 -9.37
C VAL A 177 4.94 -13.28 -10.45
N THR A 178 6.04 -13.98 -10.70
CA THR A 178 6.03 -15.06 -11.66
C THR A 178 6.67 -16.26 -10.98
N PRO A 179 6.51 -17.46 -11.52
CA PRO A 179 7.28 -18.63 -11.16
C PRO A 179 8.78 -18.34 -11.22
N PRO A 180 9.61 -19.15 -10.51
CA PRO A 180 11.07 -19.10 -10.52
C PRO A 180 11.66 -19.00 -11.92
N GLY A 181 12.45 -17.95 -12.12
CA GLY A 181 13.12 -17.74 -13.38
C GLY A 181 14.65 -17.75 -13.23
N LYS A 182 15.29 -17.74 -14.40
CA LYS A 182 16.73 -17.82 -14.51
C LYS A 182 17.56 -16.84 -13.66
N ARG A 183 17.24 -15.53 -13.63
CA ARG A 183 18.12 -14.60 -12.93
C ARG A 183 17.50 -14.08 -11.63
N HIS A 184 16.71 -14.91 -10.96
CA HIS A 184 16.01 -14.45 -9.76
C HIS A 184 17.02 -14.07 -8.69
N ALA A 185 18.05 -14.87 -8.48
CA ALA A 185 18.99 -14.55 -7.42
C ALA A 185 19.81 -13.30 -7.69
N GLU A 186 20.24 -13.07 -8.94
CA GLU A 186 21.03 -11.89 -9.27
C GLU A 186 20.18 -10.62 -9.16
N TYR A 187 18.90 -10.70 -9.54
CA TYR A 187 17.95 -9.59 -9.37
C TYR A 187 17.75 -9.27 -7.89
N MET A 188 17.55 -10.29 -7.04
CA MET A 188 17.42 -10.04 -5.61
C MET A 188 18.69 -9.41 -5.03
N THR A 189 19.91 -9.83 -5.44
CA THR A 189 21.15 -9.25 -4.93
C THR A 189 21.27 -7.80 -5.39
N THR A 190 21.00 -7.50 -6.67
CA THR A 190 21.08 -6.12 -7.16
C THR A 190 20.12 -5.18 -6.40
N LEU A 191 18.86 -5.63 -6.23
CA LEU A 191 17.83 -4.84 -5.54
C LEU A 191 18.22 -4.62 -4.09
N THR A 192 18.81 -5.63 -3.42
CA THR A 192 19.25 -5.42 -2.06
C THR A 192 20.37 -4.38 -1.96
N ARG A 193 21.31 -4.44 -2.90
CA ARG A 193 22.42 -3.50 -2.99
C ARG A 193 21.89 -2.09 -3.22
N MET A 194 20.95 -1.89 -4.14
CA MET A 194 20.59 -0.54 -4.55
C MET A 194 19.53 0.19 -3.78
N ILE A 195 18.59 -0.49 -3.13
CA ILE A 195 17.51 0.19 -2.45
C ILE A 195 18.05 0.52 -1.07
N PRO A 196 18.05 1.79 -0.68
CA PRO A 196 18.65 2.20 0.58
C PRO A 196 17.72 1.94 1.78
N ALA A 197 17.24 0.73 2.07
CA ALA A 197 16.29 0.53 3.14
C ALA A 197 16.35 -0.96 3.35
N PRO A 198 16.06 -1.52 4.53
CA PRO A 198 16.10 -2.97 4.73
C PRO A 198 15.09 -3.80 3.94
N LEU A 199 15.50 -4.94 3.39
CA LEU A 199 14.59 -5.88 2.77
C LEU A 199 13.77 -6.50 3.91
N LEU A 200 12.46 -6.29 3.97
CA LEU A 200 11.62 -6.88 5.03
C LEU A 200 11.27 -8.36 4.82
N GLY A 201 11.37 -8.90 3.60
CA GLY A 201 11.06 -10.31 3.39
C GLY A 201 10.64 -10.52 1.95
N GLU A 202 10.51 -11.75 1.54
CA GLU A 202 10.17 -12.05 0.16
C GLU A 202 8.94 -12.96 0.12
N ILE A 203 7.87 -12.64 -0.60
CA ILE A 203 6.71 -13.51 -0.67
C ILE A 203 6.81 -14.33 -1.94
N PRO A 204 6.77 -15.68 -1.84
CA PRO A 204 6.85 -16.57 -2.99
C PRO A 204 5.66 -16.51 -3.94
N TRP A 205 5.86 -16.90 -5.21
CA TRP A 205 4.82 -16.97 -6.21
C TRP A 205 3.76 -17.90 -5.69
N LEU A 206 2.56 -17.36 -5.60
CA LEU A 206 1.43 -18.17 -5.19
C LEU A 206 0.43 -17.85 -6.29
N ALA A 207 -0.23 -18.82 -6.90
CA ALA A 207 -1.26 -18.44 -7.87
C ALA A 207 -2.55 -18.07 -7.12
N ALA A 213 -2.76 -17.58 1.03
CA ALA A 213 -3.07 -16.61 2.07
C ALA A 213 -2.32 -16.49 3.37
N ALA A 214 -1.81 -17.47 4.13
CA ALA A 214 -1.14 -17.09 5.40
C ALA A 214 0.31 -16.80 5.08
N THR A 215 0.61 -15.52 4.94
CA THR A 215 1.89 -15.05 4.45
C THR A 215 2.71 -14.24 5.44
N GLY A 216 2.15 -13.99 6.63
CA GLY A 216 2.86 -13.23 7.66
C GLY A 216 4.24 -13.77 7.97
N LYS A 217 4.46 -15.09 7.86
CA LYS A 217 5.76 -15.72 8.13
C LYS A 217 6.87 -15.22 7.19
N TYR A 218 6.55 -14.65 6.02
CA TYR A 218 7.60 -14.19 5.14
C TYR A 218 8.10 -12.79 5.52
N ILE A 219 7.48 -12.11 6.49
CA ILE A 219 7.90 -10.78 6.85
C ILE A 219 8.68 -10.76 8.16
N ASN A 220 9.83 -10.07 8.23
CA ASN A 220 10.56 -9.92 9.47
C ASN A 220 10.24 -8.54 10.03
N LEU A 221 9.24 -8.41 10.93
CA LEU A 221 8.83 -7.11 11.47
C LEU A 221 9.89 -6.48 12.37
N ALA A 222 10.85 -7.29 12.83
CA ALA A 222 11.95 -6.78 13.62
C ALA A 222 12.80 -5.82 12.80
N LEU A 223 12.65 -5.66 11.47
CA LEU A 223 13.44 -4.69 10.74
C LEU A 223 12.69 -3.39 10.53
N LEU A 224 11.44 -3.26 10.94
CA LEU A 224 10.72 -2.02 10.78
C LEU A 224 10.86 -1.17 12.03
C1 IKT B . -6.79 1.14 -6.99
O1 IKT B . -5.70 0.62 -6.73
O2 IKT B . -7.71 1.22 -6.17
C2 IKT B . -6.97 1.71 -8.39
C3 IKT B . -5.77 1.57 -9.37
C4 IKT B . -5.45 2.99 -9.85
C5 IKT B . -4.32 3.12 -10.86
C6 IKT B . -4.09 4.59 -11.15
C7 IKT B . -2.94 4.74 -12.13
C8 IKT B . -2.57 6.20 -12.45
C9 IKT B . -1.36 6.24 -13.40
O3 IKT B . -1.51 6.10 -14.61
O4 IKT B . -0.24 6.36 -12.91
C1' IKT B . -6.06 0.61 -10.52
C2' IKT B . -7.42 0.89 -11.14
N1' IKT B . -6.03 -0.75 -10.01
#